data_3BQN
#
_entry.id   3BQN
#
_cell.length_a   73.425
_cell.length_b   70.119
_cell.length_c   72.457
_cell.angle_alpha   90.00
_cell.angle_beta   90.00
_cell.angle_gamma   90.00
#
_symmetry.space_group_name_H-M   'P 21 21 2'
#
loop_
_entity.id
_entity.type
_entity.pdbx_description
1 polymer 'Integrin alpha-L'
2 non-polymer 4-{(2E)-3-[4-{[2-(pyridin-3-ylmethoxy)phenyl]sulfanyl}-2,3-bis(trifluoromethyl)phenyl]prop-2-enoyl}morpholine
3 water water
#
_entity_poly.entity_id   1
_entity_poly.type   'polypeptide(L)'
_entity_poly.pdbx_seq_one_letter_code
;GNVDLVFLFDGSMSLQPDEFQKILDFMKDVMKKLSNTSYQFAAVQFSTSYKTEFDFSDYVKWKDPDALLKHVKHMLLLTN
TFGAINYVATEVFREELGARPDATKVLIIITDGEATDSGNIDAAKDIIRYIIGIGKHFQTKESQETLHKFASKPASEFVK
ILDTFEKLKDLFTELQKKIYVI
;
_entity_poly.pdbx_strand_id   B,C
#
loop_
_chem_comp.id
_chem_comp.type
_chem_comp.name
_chem_comp.formula
BQN non-polymer 4-{(2E)-3-[4-{[2-(pyridin-3-ylmethoxy)phenyl]sulfanyl}-2,3-bis(trifluoromethyl)phenyl]prop-2-enoyl}morpholine 'C27 H22 F6 N2 O3 S'
#
# COMPACT_ATOMS: atom_id res chain seq x y z
N GLY A 1 7.55 -0.82 13.05
CA GLY A 1 6.65 -1.46 12.02
C GLY A 1 5.25 -0.88 11.99
N ASN A 2 4.68 -0.64 13.17
CA ASN A 2 3.40 0.07 13.26
C ASN A 2 3.60 1.56 13.02
N VAL A 3 2.63 2.18 12.35
CA VAL A 3 2.65 3.62 12.10
C VAL A 3 1.38 4.24 12.67
N ASP A 4 1.56 5.17 13.61
CA ASP A 4 0.47 6.00 14.11
C ASP A 4 0.59 7.34 13.41
N LEU A 5 -0.38 7.65 12.57
CA LEU A 5 -0.34 8.87 11.77
C LEU A 5 -1.48 9.80 12.14
N VAL A 6 -1.13 11.08 12.28
CA VAL A 6 -2.10 12.12 12.62
C VAL A 6 -2.22 13.09 11.47
N PHE A 7 -3.46 13.32 11.01
CA PHE A 7 -3.72 14.43 10.10
C PHE A 7 -4.02 15.65 10.96
N LEU A 8 -3.21 16.69 10.80
CA LEU A 8 -3.44 17.95 11.49
C LEU A 8 -3.85 18.99 10.44
N PHE A 9 -5.16 19.27 10.38
CA PHE A 9 -5.71 20.08 9.30
C PHE A 9 -6.27 21.45 9.70
N ASP A 10 -5.91 22.42 8.86
CA ASP A 10 -6.25 23.84 8.95
C ASP A 10 -7.77 24.05 8.84
N GLY A 11 -8.33 24.74 9.83
CA GLY A 11 -9.74 25.14 9.81
C GLY A 11 -9.95 26.64 9.85
N SER A 12 -8.99 27.39 9.30
CA SER A 12 -9.01 28.85 9.37
C SER A 12 -10.11 29.50 8.54
N MET A 13 -10.38 30.75 8.88
CA MET A 13 -11.37 31.59 8.23
C MET A 13 -11.18 31.72 6.72
N SER A 14 -9.92 31.66 6.28
CA SER A 14 -9.57 31.86 4.88
C SER A 14 -10.09 30.76 3.95
N LEU A 15 -10.30 29.57 4.51
CA LEU A 15 -10.79 28.44 3.72
C LEU A 15 -12.25 28.61 3.31
N GLN A 16 -12.50 28.58 2.00
CA GLN A 16 -13.86 28.49 1.47
C GLN A 16 -14.43 27.10 1.80
N PRO A 17 -15.77 26.98 1.94
CA PRO A 17 -16.36 25.67 2.29
C PRO A 17 -15.89 24.51 1.41
N ASP A 18 -15.78 24.75 0.10
CA ASP A 18 -15.37 23.69 -0.84
C ASP A 18 -13.91 23.27 -0.66
N GLU A 19 -13.07 24.23 -0.27
CA GLU A 19 -11.65 23.99 0.01
C GLU A 19 -11.47 23.13 1.26
N PHE A 20 -12.18 23.48 2.32
CA PHE A 20 -12.19 22.72 3.56
C PHE A 20 -12.65 21.28 3.28
N GLN A 21 -13.73 21.14 2.50
CA GLN A 21 -14.23 19.82 2.09
C GLN A 21 -13.20 18.99 1.34
N LYS A 22 -12.45 19.63 0.44
CA LYS A 22 -11.41 18.95 -0.34
C LYS A 22 -10.30 18.40 0.57
N ILE A 23 -10.00 19.12 1.66
CA ILE A 23 -9.09 18.60 2.68
C ILE A 23 -9.65 17.32 3.31
N LEU A 24 -10.90 17.39 3.78
CA LEU A 24 -11.56 16.24 4.38
C LEU A 24 -11.55 15.03 3.43
N ASP A 25 -11.84 15.27 2.16
CA ASP A 25 -11.94 14.18 1.19
C ASP A 25 -10.56 13.59 0.88
N PHE A 26 -9.53 14.43 0.85
CA PHE A 26 -8.15 13.95 0.71
C PHE A 26 -7.78 12.98 1.85
N MET A 27 -8.06 13.40 3.08
CA MET A 27 -7.78 12.58 4.25
C MET A 27 -8.49 11.23 4.18
N LYS A 28 -9.75 11.27 3.77
CA LYS A 28 -10.56 10.05 3.65
C LYS A 28 -10.01 9.11 2.58
N ASP A 29 -9.57 9.69 1.46
CA ASP A 29 -8.96 8.94 0.36
C ASP A 29 -7.70 8.18 0.79
N VAL A 30 -6.84 8.85 1.54
CA VAL A 30 -5.63 8.22 2.07
C VAL A 30 -5.97 7.06 3.01
N MET A 31 -6.89 7.31 3.94
CA MET A 31 -7.25 6.31 4.94
C MET A 31 -7.86 5.06 4.32
N LYS A 32 -8.73 5.27 3.32
CA LYS A 32 -9.35 4.16 2.59
C LYS A 32 -8.31 3.31 1.86
N LYS A 33 -7.32 3.96 1.27
CA LYS A 33 -6.28 3.24 0.53
C LYS A 33 -5.41 2.42 1.48
N LEU A 34 -5.21 2.93 2.69
CA LEU A 34 -4.37 2.26 3.68
C LEU A 34 -5.17 1.50 4.75
N SER A 35 -6.41 1.12 4.42
CA SER A 35 -7.19 0.25 5.29
C SER A 35 -6.49 -1.08 5.50
N ASN A 36 -6.68 -1.67 6.67
CA ASN A 36 -6.19 -3.03 6.95
C ASN A 36 -4.68 -3.18 6.86
N THR A 37 -3.95 -2.11 7.18
CA THR A 37 -2.50 -2.13 7.18
C THR A 37 -1.99 -1.90 8.60
N SER A 38 -0.69 -1.61 8.73
CA SER A 38 -0.12 -1.32 10.04
C SER A 38 -0.33 0.16 10.44
N TYR A 39 -1.00 0.93 9.56
CA TYR A 39 -1.36 2.31 9.85
C TYR A 39 -2.61 2.40 10.72
N GLN A 40 -2.56 3.28 11.72
CA GLN A 40 -3.77 3.69 12.44
C GLN A 40 -3.78 5.22 12.54
N PHE A 41 -4.98 5.79 12.45
CA PHE A 41 -5.12 7.22 12.17
C PHE A 41 -5.85 8.00 13.27
N ALA A 42 -5.49 9.27 13.41
CA ALA A 42 -6.25 10.25 14.19
C ALA A 42 -6.31 11.51 13.36
N ALA A 43 -7.33 12.33 13.58
CA ALA A 43 -7.47 13.59 12.86
C ALA A 43 -7.76 14.71 13.84
N VAL A 44 -7.02 15.81 13.69
CA VAL A 44 -7.13 16.97 14.56
C VAL A 44 -7.34 18.22 13.70
N GLN A 45 -8.42 18.95 13.95
CA GLN A 45 -8.63 20.25 13.33
C GLN A 45 -7.93 21.32 14.15
N PHE A 46 -7.23 22.23 13.49
CA PHE A 46 -6.68 23.39 14.18
C PHE A 46 -7.06 24.71 13.52
N SER A 47 -7.36 25.70 14.35
CA SER A 47 -7.53 27.06 13.87
C SER A 47 -6.98 27.98 14.97
N THR A 48 -7.84 28.55 15.79
CA THR A 48 -7.36 29.23 17.00
C THR A 48 -7.14 28.19 18.10
N SER A 49 -8.12 27.28 18.24
CA SER A 49 -8.02 26.16 19.16
C SER A 49 -7.87 24.85 18.40
N TYR A 50 -7.80 23.74 19.14
CA TYR A 50 -7.50 22.43 18.58
C TYR A 50 -8.55 21.42 19.02
N LYS A 51 -8.94 20.55 18.11
CA LYS A 51 -9.95 19.57 18.40
C LYS A 51 -9.58 18.24 17.76
N THR A 52 -9.51 17.20 18.58
CA THR A 52 -9.35 15.84 18.07
C THR A 52 -10.71 15.34 17.56
N GLU A 53 -10.85 15.31 16.24
CA GLU A 53 -12.12 14.96 15.60
C GLU A 53 -12.42 13.48 15.73
N PHE A 54 -11.38 12.65 15.57
CA PHE A 54 -11.43 11.25 15.98
C PHE A 54 -10.02 10.82 16.38
N ASP A 55 -9.92 9.84 17.27
CA ASP A 55 -8.61 9.34 17.69
C ASP A 55 -8.31 7.95 17.13
N PHE A 56 -7.16 7.39 17.50
CA PHE A 56 -6.72 6.09 16.98
C PHE A 56 -7.69 4.97 17.38
N SER A 57 -8.17 5.02 18.63
CA SER A 57 -9.14 4.03 19.11
C SER A 57 -10.42 4.06 18.28
N ASP A 58 -10.88 5.26 17.94
CA ASP A 58 -12.04 5.45 17.05
C ASP A 58 -11.80 4.78 15.71
N TYR A 59 -10.61 5.00 15.15
CA TYR A 59 -10.26 4.40 13.87
C TYR A 59 -10.23 2.87 13.93
N VAL A 60 -9.63 2.34 15.00
CA VAL A 60 -9.52 0.89 15.17
C VAL A 60 -10.91 0.24 15.25
N LYS A 61 -11.81 0.89 15.97
CA LYS A 61 -13.13 0.31 16.22
C LYS A 61 -14.02 0.40 14.99
N TRP A 62 -14.00 1.53 14.29
CA TRP A 62 -14.93 1.77 13.19
C TRP A 62 -14.37 1.60 11.78
N LYS A 63 -13.09 1.92 11.59
CA LYS A 63 -12.39 1.71 10.30
C LYS A 63 -13.18 2.30 9.12
N ASP A 64 -13.76 3.47 9.36
CA ASP A 64 -14.76 4.07 8.48
C ASP A 64 -14.50 5.57 8.41
N PRO A 65 -13.56 5.99 7.53
CA PRO A 65 -13.21 7.41 7.38
C PRO A 65 -14.39 8.36 7.19
N ASP A 66 -15.39 7.95 6.38
CA ASP A 66 -16.60 8.77 6.16
C ASP A 66 -17.34 9.07 7.47
N ALA A 67 -17.57 8.03 8.26
CA ALA A 67 -18.28 8.17 9.54
C ALA A 67 -17.45 8.95 10.55
N LEU A 68 -16.15 8.72 10.56
CA LEU A 68 -15.25 9.33 11.53
C LEU A 68 -15.13 10.86 11.38
N LEU A 69 -15.28 11.36 10.16
CA LEU A 69 -15.16 12.80 9.90
C LEU A 69 -16.52 13.49 9.65
N LYS A 70 -17.59 12.73 9.83
CA LYS A 70 -18.94 13.19 9.49
C LYS A 70 -19.40 14.41 10.30
N HIS A 71 -18.91 14.54 11.52
CA HIS A 71 -19.36 15.59 12.44
C HIS A 71 -18.42 16.78 12.54
N VAL A 72 -17.45 16.87 11.63
CA VAL A 72 -16.48 17.97 11.62
C VAL A 72 -17.16 19.30 11.29
N LYS A 73 -16.95 20.30 12.14
CA LYS A 73 -17.45 21.66 11.93
C LYS A 73 -16.28 22.62 11.71
N HIS A 74 -16.30 23.32 10.57
CA HIS A 74 -15.25 24.26 10.20
C HIS A 74 -15.16 25.40 11.23
N MET A 75 -14.01 25.50 11.90
CA MET A 75 -13.78 26.43 13.01
C MET A 75 -13.86 27.91 12.59
N LEU A 76 -13.23 28.22 11.45
CA LEU A 76 -13.29 29.55 10.81
C LEU A 76 -12.60 30.66 11.59
N LEU A 77 -11.45 30.35 12.19
CA LEU A 77 -10.71 31.34 12.96
C LEU A 77 -9.26 31.47 12.46
N LEU A 78 -8.29 31.49 13.37
CA LEU A 78 -6.89 31.75 12.99
C LEU A 78 -6.13 30.49 12.60
N THR A 79 -4.81 30.53 12.71
CA THR A 79 -3.96 29.44 12.21
C THR A 79 -2.80 29.22 13.21
N ASN A 80 -3.15 28.71 14.38
CA ASN A 80 -2.17 28.54 15.45
C ASN A 80 -1.36 27.24 15.31
N THR A 81 -0.52 27.22 14.30
CA THR A 81 0.24 26.02 13.90
C THR A 81 1.21 25.51 14.97
N PHE A 82 1.94 26.42 15.63
CA PHE A 82 2.83 26.03 16.73
C PHE A 82 2.08 25.31 17.85
N GLY A 83 1.01 25.96 18.34
CA GLY A 83 0.16 25.38 19.38
C GLY A 83 -0.45 24.06 18.95
N ALA A 84 -0.82 23.96 17.67
CA ALA A 84 -1.45 22.76 17.11
C ALA A 84 -0.52 21.57 17.10
N ILE A 85 0.71 21.79 16.62
CA ILE A 85 1.74 20.75 16.60
C ILE A 85 2.07 20.28 18.02
N ASN A 86 2.20 21.24 18.94
CA ASN A 86 2.40 20.90 20.34
C ASN A 86 1.25 20.11 20.95
N TYR A 87 0.02 20.49 20.63
CA TYR A 87 -1.18 19.77 21.07
C TYR A 87 -1.14 18.30 20.62
N VAL A 88 -0.81 18.07 19.36
CA VAL A 88 -0.71 16.72 18.83
C VAL A 88 0.36 15.93 19.59
N ALA A 89 1.55 16.52 19.74
CA ALA A 89 2.68 15.85 20.40
C ALA A 89 2.35 15.44 21.83
N THR A 90 1.67 16.31 22.56
CA THR A 90 1.39 16.07 23.99
C THR A 90 0.03 15.45 24.29
N GLU A 91 -0.98 15.79 23.49
CA GLU A 91 -2.35 15.40 23.81
C GLU A 91 -2.94 14.32 22.91
N VAL A 92 -2.33 14.06 21.76
CA VAL A 92 -2.89 13.08 20.81
C VAL A 92 -2.10 11.77 20.80
N PHE A 93 -0.77 11.87 20.81
CA PHE A 93 0.08 10.69 20.87
C PHE A 93 0.13 10.16 22.30
N ARG A 94 -0.97 9.50 22.71
CA ARG A 94 -1.18 9.00 24.06
C ARG A 94 -1.95 7.68 24.00
N GLU A 95 -1.65 6.73 24.91
CA GLU A 95 -2.42 5.47 25.05
C GLU A 95 -3.91 5.73 25.16
N GLU A 96 -4.25 6.75 25.94
CA GLU A 96 -5.63 7.06 26.21
C GLU A 96 -6.43 7.22 24.92
N LEU A 97 -5.79 7.74 23.88
CA LEU A 97 -6.44 7.93 22.59
C LEU A 97 -6.14 6.80 21.59
N GLY A 98 -5.47 5.74 22.06
CA GLY A 98 -5.24 4.55 21.25
C GLY A 98 -3.90 4.48 20.53
N ALA A 99 -3.03 5.46 20.80
CA ALA A 99 -1.67 5.43 20.29
C ALA A 99 -0.89 4.24 20.85
N ARG A 100 -0.10 3.61 19.98
CA ARG A 100 0.74 2.47 20.35
C ARG A 100 2.14 2.99 20.68
N PRO A 101 2.67 2.67 21.88
CA PRO A 101 3.86 3.41 22.35
C PRO A 101 5.14 3.20 21.54
N ASP A 102 5.27 2.02 20.93
CA ASP A 102 6.46 1.67 20.15
C ASP A 102 6.34 1.98 18.65
N ALA A 103 5.17 2.45 18.23
CA ALA A 103 4.91 2.78 16.82
C ALA A 103 5.72 3.98 16.30
N THR A 104 5.97 4.00 15.00
CA THR A 104 6.56 5.17 14.35
C THR A 104 5.46 6.23 14.26
N LYS A 105 5.77 7.44 14.72
CA LYS A 105 4.81 8.54 14.73
C LYS A 105 4.98 9.40 13.51
N VAL A 106 3.88 9.63 12.80
CA VAL A 106 3.89 10.51 11.63
C VAL A 106 2.81 11.58 11.74
N LEU A 107 3.18 12.79 11.34
CA LEU A 107 2.24 13.91 11.33
C LEU A 107 2.14 14.46 9.91
N ILE A 108 0.90 14.59 9.43
CA ILE A 108 0.63 15.23 8.15
C ILE A 108 -0.12 16.54 8.44
N ILE A 109 0.59 17.65 8.29
CA ILE A 109 0.01 18.97 8.51
C ILE A 109 -0.49 19.54 7.18
N ILE A 110 -1.76 19.96 7.15
CA ILE A 110 -2.36 20.55 5.95
C ILE A 110 -2.83 21.97 6.24
N THR A 111 -2.28 22.94 5.52
CA THR A 111 -2.53 24.35 5.84
C THR A 111 -2.65 25.24 4.60
N ASP A 112 -3.40 26.34 4.73
CA ASP A 112 -3.53 27.32 3.64
C ASP A 112 -2.99 28.71 4.01
N GLY A 113 -2.28 28.80 5.13
CA GLY A 113 -1.74 30.09 5.56
C GLY A 113 -0.57 29.97 6.52
N GLU A 114 0.10 31.10 6.75
CA GLU A 114 1.18 31.15 7.72
C GLU A 114 0.65 31.12 9.15
N ALA A 115 1.47 30.62 10.07
CA ALA A 115 1.11 30.56 11.48
C ALA A 115 0.85 31.95 12.06
N THR A 116 -0.18 32.02 12.90
CA THR A 116 -0.55 33.25 13.62
C THR A 116 0.00 33.24 15.05
N ASP A 117 0.68 32.16 15.42
CA ASP A 117 1.32 32.08 16.72
C ASP A 117 2.83 31.94 16.60
N SER A 118 3.50 31.74 17.74
CA SER A 118 4.94 31.63 17.79
C SER A 118 5.35 30.63 18.85
N GLY A 119 6.65 30.38 18.96
CA GLY A 119 7.19 29.43 19.93
C GLY A 119 8.16 28.45 19.31
N ASN A 120 8.03 27.19 19.71
CA ASN A 120 8.89 26.11 19.20
C ASN A 120 8.12 24.79 19.14
N ILE A 121 8.66 23.83 18.41
CA ILE A 121 8.03 22.50 18.33
C ILE A 121 8.95 21.38 18.85
N ASP A 122 9.79 21.73 19.84
CA ASP A 122 10.69 20.75 20.46
C ASP A 122 9.99 19.47 20.91
N ALA A 123 8.76 19.62 21.41
CA ALA A 123 7.97 18.48 21.92
C ALA A 123 7.63 17.44 20.85
N ALA A 124 7.74 17.85 19.58
CA ALA A 124 7.34 17.02 18.44
C ALA A 124 8.54 16.45 17.66
N LYS A 125 9.74 16.60 18.23
CA LYS A 125 10.99 16.19 17.59
C LYS A 125 11.09 14.69 17.26
N ASP A 126 10.33 13.88 17.99
CA ASP A 126 10.31 12.42 17.79
C ASP A 126 9.23 11.98 16.78
N ILE A 127 8.61 12.96 16.12
CA ILE A 127 7.59 12.69 15.11
C ILE A 127 8.14 13.07 13.73
N ILE A 128 7.92 12.19 12.74
CA ILE A 128 8.24 12.49 11.35
C ILE A 128 7.13 13.39 10.83
N ARG A 129 7.49 14.61 10.46
CA ARG A 129 6.49 15.65 10.10
C ARG A 129 6.53 16.07 8.62
N TYR A 130 5.40 15.89 7.94
CA TYR A 130 5.20 16.39 6.57
C TYR A 130 4.24 17.57 6.62
N ILE A 131 4.41 18.53 5.71
CA ILE A 131 3.50 19.66 5.65
C ILE A 131 3.07 19.93 4.21
N ILE A 132 1.76 20.11 4.02
CA ILE A 132 1.20 20.47 2.73
C ILE A 132 0.66 21.87 2.85
N GLY A 133 1.26 22.79 2.10
CA GLY A 133 0.78 24.18 2.02
C GLY A 133 -0.02 24.36 0.75
N ILE A 134 -1.22 24.93 0.86
CA ILE A 134 -2.12 25.00 -0.30
C ILE A 134 -2.61 26.41 -0.59
N GLY A 135 -2.55 26.79 -1.86
CA GLY A 135 -3.25 27.96 -2.36
C GLY A 135 -2.46 29.25 -2.52
N LYS A 136 -3.19 30.34 -2.77
CA LYS A 136 -2.59 31.63 -3.15
C LYS A 136 -1.74 32.27 -2.06
N HIS A 137 -1.95 31.88 -0.79
CA HIS A 137 -1.14 32.40 0.30
C HIS A 137 0.32 31.95 0.22
N PHE A 138 0.59 30.91 -0.56
CA PHE A 138 1.94 30.37 -0.70
C PHE A 138 2.56 30.61 -2.07
N GLN A 139 2.23 31.74 -2.67
CA GLN A 139 2.79 32.11 -3.97
C GLN A 139 4.29 32.41 -3.93
N THR A 140 4.74 33.09 -2.87
CA THR A 140 6.13 33.50 -2.78
C THR A 140 7.02 32.40 -2.21
N LYS A 141 8.29 32.41 -2.61
CA LYS A 141 9.30 31.53 -2.05
C LYS A 141 9.39 31.73 -0.54
N GLU A 142 9.37 32.99 -0.12
CA GLU A 142 9.45 33.36 1.29
C GLU A 142 8.35 32.71 2.12
N SER A 143 7.11 32.78 1.63
CA SER A 143 5.97 32.19 2.33
C SER A 143 6.12 30.67 2.50
N GLN A 144 6.63 30.02 1.45
CA GLN A 144 6.86 28.57 1.47
C GLN A 144 7.96 28.22 2.47
N GLU A 145 8.99 29.06 2.54
CA GLU A 145 10.11 28.85 3.47
C GLU A 145 9.67 28.85 4.94
N THR A 146 8.63 29.63 5.27
CA THR A 146 8.15 29.71 6.66
C THR A 146 7.61 28.36 7.16
N LEU A 147 7.19 27.49 6.24
CA LEU A 147 6.65 26.18 6.63
C LEU A 147 7.72 25.15 6.97
N HIS A 148 8.96 25.40 6.55
CA HIS A 148 10.06 24.45 6.73
C HIS A 148 10.30 24.11 8.20
N LYS A 149 10.17 25.12 9.07
CA LYS A 149 10.41 24.95 10.51
C LYS A 149 9.45 23.97 11.19
N PHE A 150 8.35 23.66 10.52
CA PHE A 150 7.35 22.74 11.08
C PHE A 150 7.58 21.30 10.64
N ALA A 151 8.21 21.14 9.48
CA ALA A 151 8.41 19.82 8.89
C ALA A 151 9.80 19.26 9.21
N SER A 152 9.91 17.94 9.07
CA SER A 152 11.20 17.26 9.13
C SER A 152 12.09 17.73 7.98
N LYS A 153 13.39 17.46 8.09
CA LYS A 153 14.35 17.88 7.07
C LYS A 153 14.81 16.70 6.21
N PRO A 154 15.02 16.91 4.89
CA PRO A 154 14.99 18.19 4.20
C PRO A 154 13.60 18.59 3.73
N ALA A 155 13.41 19.90 3.51
CA ALA A 155 12.16 20.43 2.99
C ALA A 155 11.78 19.80 1.66
N SER A 156 12.78 19.47 0.86
CA SER A 156 12.56 18.84 -0.45
C SER A 156 11.76 17.52 -0.33
N GLU A 157 11.91 16.85 0.81
CA GLU A 157 11.22 15.58 1.06
C GLU A 157 9.91 15.78 1.82
N PHE A 158 9.91 16.69 2.79
CA PHE A 158 8.81 16.79 3.77
C PHE A 158 7.86 17.98 3.61
N VAL A 159 8.19 18.88 2.68
CA VAL A 159 7.33 20.04 2.42
C VAL A 159 6.78 19.95 1.00
N LYS A 160 5.47 20.12 0.86
CA LYS A 160 4.82 20.13 -0.45
C LYS A 160 3.93 21.36 -0.57
N ILE A 161 4.06 22.10 -1.66
CA ILE A 161 3.21 23.28 -1.91
C ILE A 161 2.30 23.04 -3.11
N LEU A 162 1.01 23.27 -2.91
CA LEU A 162 0.00 23.04 -3.94
C LEU A 162 -0.62 24.35 -4.38
N ASP A 163 -0.75 24.54 -5.70
CA ASP A 163 -1.32 25.78 -6.26
C ASP A 163 -2.77 25.96 -5.83
N THR A 164 -3.54 24.86 -5.84
CA THR A 164 -4.97 24.89 -5.57
C THR A 164 -5.39 23.65 -4.77
N PHE A 165 -6.63 23.68 -4.26
CA PHE A 165 -7.17 22.55 -3.52
C PHE A 165 -7.51 21.38 -4.42
N GLU A 166 -7.78 21.67 -5.70
CA GLU A 166 -7.94 20.65 -6.73
C GLU A 166 -6.69 19.78 -6.84
N LYS A 167 -5.52 20.36 -6.58
CA LYS A 167 -4.26 19.60 -6.69
C LYS A 167 -4.08 18.53 -5.61
N LEU A 168 -4.97 18.51 -4.62
CA LEU A 168 -4.98 17.39 -3.65
C LEU A 168 -5.27 16.05 -4.32
N LYS A 169 -6.11 16.10 -5.35
CA LYS A 169 -6.41 14.90 -6.16
C LYS A 169 -5.14 14.38 -6.81
N ASP A 170 -4.39 15.29 -7.43
CA ASP A 170 -3.10 14.99 -8.06
C ASP A 170 -2.09 14.42 -7.06
N LEU A 171 -2.04 15.03 -5.88
CA LEU A 171 -1.18 14.56 -4.80
C LEU A 171 -1.54 13.13 -4.39
N PHE A 172 -2.83 12.84 -4.30
CA PHE A 172 -3.29 11.49 -3.97
C PHE A 172 -2.87 10.48 -5.04
N THR A 173 -2.93 10.89 -6.30
CA THR A 173 -2.45 10.06 -7.41
C THR A 173 -0.96 9.77 -7.30
N GLU A 174 -0.18 10.81 -7.02
CA GLU A 174 1.27 10.70 -6.82
C GLU A 174 1.61 9.77 -5.65
N LEU A 175 0.91 9.99 -4.53
CA LEU A 175 1.11 9.24 -3.29
C LEU A 175 1.00 7.73 -3.50
N GLN A 176 -0.05 7.33 -4.21
CA GLN A 176 -0.31 5.91 -4.47
C GLN A 176 0.80 5.21 -5.24
N LYS A 177 1.54 5.98 -6.04
CA LYS A 177 2.68 5.42 -6.77
C LYS A 177 3.86 5.11 -5.84
N LYS A 178 3.75 5.54 -4.58
CA LYS A 178 4.79 5.32 -3.57
C LYS A 178 4.40 4.21 -2.57
N ILE A 179 3.30 3.52 -2.85
CA ILE A 179 2.84 2.42 -2.01
C ILE A 179 3.49 1.09 -2.44
N TYR A 180 4.16 0.44 -1.49
CA TYR A 180 4.82 -0.85 -1.76
C TYR A 180 4.62 -1.82 -0.62
N VAL A 181 4.61 -3.10 -0.98
CA VAL A 181 4.82 -4.18 -0.01
C VAL A 181 6.33 -4.27 0.19
N ILE A 182 6.78 -4.02 1.41
CA ILE A 182 8.20 -4.03 1.70
C ILE A 182 8.68 -5.44 2.06
N GLY B 1 10.95 1.95 -7.47
CA GLY B 1 10.36 2.48 -8.73
C GLY B 1 9.23 1.59 -9.20
N ASN B 2 9.28 1.18 -10.45
CA ASN B 2 8.23 0.34 -11.02
C ASN B 2 8.42 -1.13 -10.66
N VAL B 3 7.30 -1.82 -10.45
CA VAL B 3 7.33 -3.26 -10.18
C VAL B 3 6.41 -3.98 -11.17
N ASP B 4 6.98 -4.88 -11.98
CA ASP B 4 6.19 -5.76 -12.85
C ASP B 4 6.10 -7.11 -12.15
N LEU B 5 4.88 -7.49 -11.79
CA LEU B 5 4.67 -8.69 -10.98
C LEU B 5 3.85 -9.72 -11.74
N VAL B 6 4.34 -10.96 -11.76
CA VAL B 6 3.59 -12.06 -12.38
C VAL B 6 3.13 -13.05 -11.32
N PHE B 7 1.84 -13.38 -11.37
CA PHE B 7 1.28 -14.51 -10.62
C PHE B 7 1.38 -15.76 -11.48
N LEU B 8 2.11 -16.76 -10.99
CA LEU B 8 2.23 -18.04 -11.68
C LEU B 8 1.51 -19.07 -10.82
N PHE B 9 0.30 -19.44 -11.23
CA PHE B 9 -0.55 -20.30 -10.41
C PHE B 9 -0.80 -21.69 -10.96
N ASP B 10 -0.68 -22.65 -10.04
CA ASP B 10 -0.87 -24.09 -10.25
C ASP B 10 -2.32 -24.38 -10.66
N GLY B 11 -2.50 -25.10 -11.76
CA GLY B 11 -3.82 -25.56 -12.19
C GLY B 11 -3.90 -27.07 -12.28
N SER B 12 -3.13 -27.76 -11.43
CA SER B 12 -3.04 -29.23 -11.45
C SER B 12 -4.35 -29.93 -11.07
N MET B 13 -4.41 -31.22 -11.36
CA MET B 13 -5.57 -32.08 -11.12
C MET B 13 -5.86 -32.25 -9.62
N SER B 14 -4.83 -32.11 -8.79
CA SER B 14 -4.97 -32.29 -7.34
C SER B 14 -5.83 -31.22 -6.68
N LEU B 15 -5.90 -30.04 -7.29
CA LEU B 15 -6.67 -28.93 -6.74
C LEU B 15 -8.17 -29.16 -6.85
N GLN B 16 -8.83 -29.16 -5.70
CA GLN B 16 -10.29 -29.12 -5.67
C GLN B 16 -10.77 -27.78 -6.23
N PRO B 17 -12.00 -27.74 -6.79
CA PRO B 17 -12.55 -26.50 -7.32
C PRO B 17 -12.48 -25.32 -6.35
N ASP B 18 -12.83 -25.52 -5.08
CA ASP B 18 -12.78 -24.42 -4.10
C ASP B 18 -11.35 -23.95 -3.84
N GLU B 19 -10.40 -24.88 -3.91
CA GLU B 19 -8.99 -24.57 -3.68
C GLU B 19 -8.45 -23.71 -4.82
N PHE B 20 -8.77 -24.09 -6.06
CA PHE B 20 -8.43 -23.32 -7.25
C PHE B 20 -9.02 -21.91 -7.17
N GLN B 21 -10.27 -21.79 -6.75
CA GLN B 21 -10.89 -20.46 -6.60
C GLN B 21 -10.24 -19.61 -5.51
N LYS B 22 -9.85 -20.25 -4.41
CA LYS B 22 -9.17 -19.52 -3.34
C LYS B 22 -7.85 -18.92 -3.83
N ILE B 23 -7.17 -19.61 -4.74
CA ILE B 23 -5.98 -19.04 -5.39
C ILE B 23 -6.36 -17.78 -6.18
N LEU B 24 -7.43 -17.88 -6.97
CA LEU B 24 -7.88 -16.77 -7.81
C LEU B 24 -8.28 -15.56 -6.96
N ASP B 25 -8.98 -15.83 -5.86
CA ASP B 25 -9.39 -14.78 -4.93
C ASP B 25 -8.19 -14.07 -4.31
N PHE B 26 -7.16 -14.82 -3.94
CA PHE B 26 -5.94 -14.26 -3.36
C PHE B 26 -5.28 -13.30 -4.35
N MET B 27 -5.15 -13.75 -5.59
CA MET B 27 -4.54 -12.93 -6.64
C MET B 27 -5.33 -11.66 -6.87
N LYS B 28 -6.66 -11.78 -6.93
CA LYS B 28 -7.53 -10.62 -7.13
C LYS B 28 -7.47 -9.64 -5.96
N ASP B 29 -7.44 -10.18 -4.74
CA ASP B 29 -7.33 -9.34 -3.54
C ASP B 29 -6.07 -8.50 -3.53
N VAL B 30 -4.94 -9.12 -3.90
CA VAL B 30 -3.67 -8.41 -3.97
C VAL B 30 -3.74 -7.30 -5.02
N MET B 31 -4.24 -7.64 -6.20
CA MET B 31 -4.32 -6.67 -7.30
C MET B 31 -5.22 -5.47 -6.97
N LYS B 32 -6.36 -5.74 -6.36
CA LYS B 32 -7.29 -4.70 -5.95
C LYS B 32 -6.65 -3.77 -4.92
N LYS B 33 -5.93 -4.34 -3.96
CA LYS B 33 -5.28 -3.54 -2.92
C LYS B 33 -4.19 -2.63 -3.49
N LEU B 34 -3.47 -3.14 -4.49
CA LEU B 34 -2.37 -2.40 -5.11
C LEU B 34 -2.74 -1.73 -6.44
N SER B 35 -4.04 -1.44 -6.60
CA SER B 35 -4.51 -0.67 -7.77
C SER B 35 -3.94 0.74 -7.72
N ASN B 36 -3.76 1.33 -8.91
CA ASN B 36 -3.27 2.72 -9.04
C ASN B 36 -1.92 2.99 -8.35
N THR B 37 -1.05 1.99 -8.36
CA THR B 37 0.29 2.13 -7.77
C THR B 37 1.33 1.97 -8.88
N SER B 38 2.60 1.81 -8.50
CA SER B 38 3.66 1.57 -9.49
C SER B 38 3.71 0.09 -9.94
N TYR B 39 2.79 -0.71 -9.41
CA TYR B 39 2.67 -2.13 -9.77
C TYR B 39 1.84 -2.32 -11.03
N GLN B 40 2.29 -3.28 -11.84
CA GLN B 40 1.62 -3.75 -13.04
C GLN B 40 1.63 -5.27 -12.88
N PHE B 41 0.59 -5.94 -13.38
CA PHE B 41 0.41 -7.39 -13.16
C PHE B 41 0.17 -8.21 -14.44
N ALA B 42 0.63 -9.46 -14.41
CA ALA B 42 0.26 -10.49 -15.37
C ALA B 42 -0.04 -11.77 -14.60
N ALA B 43 -0.78 -12.68 -15.21
CA ALA B 43 -1.12 -13.96 -14.58
C ALA B 43 -0.99 -15.08 -15.61
N VAL B 44 -0.36 -16.17 -15.17
CA VAL B 44 -0.11 -17.35 -15.99
C VAL B 44 -0.52 -18.58 -15.20
N GLN B 45 -1.39 -19.40 -15.80
CA GLN B 45 -1.73 -20.70 -15.22
C GLN B 45 -0.78 -21.75 -15.75
N PHE B 46 -0.32 -22.62 -14.85
CA PHE B 46 0.50 -23.73 -15.27
C PHE B 46 -0.01 -25.07 -14.75
N SER B 47 0.07 -26.07 -15.60
CA SER B 47 -0.19 -27.43 -15.18
C SER B 47 0.76 -28.30 -15.97
N THR B 48 0.26 -28.94 -17.02
CA THR B 48 1.13 -29.60 -18.00
C THR B 48 1.67 -28.55 -18.97
N SER B 49 0.78 -27.67 -19.43
CA SER B 49 1.19 -26.56 -20.29
C SER B 49 0.98 -25.22 -19.59
N TYR B 50 1.29 -24.14 -20.30
CA TYR B 50 1.30 -22.79 -19.72
C TYR B 50 0.39 -21.87 -20.53
N LYS B 51 -0.42 -21.08 -19.83
CA LYS B 51 -1.31 -20.14 -20.50
C LYS B 51 -1.24 -18.78 -19.83
N THR B 52 -0.89 -17.76 -20.62
CA THR B 52 -0.95 -16.39 -20.13
C THR B 52 -2.41 -15.98 -20.07
N GLU B 53 -2.94 -15.91 -18.86
CA GLU B 53 -4.35 -15.61 -18.68
C GLU B 53 -4.61 -14.12 -18.98
N PHE B 54 -3.68 -13.27 -18.56
CA PHE B 54 -3.61 -11.87 -19.00
C PHE B 54 -2.18 -11.35 -18.87
N ASP B 55 -1.79 -10.47 -19.78
CA ASP B 55 -0.45 -9.91 -19.76
C ASP B 55 -0.47 -8.48 -19.21
N PHE B 56 0.71 -7.88 -19.05
CA PHE B 56 0.82 -6.53 -18.51
C PHE B 56 -0.01 -5.50 -19.31
N SER B 57 0.00 -5.64 -20.65
CA SER B 57 -0.78 -4.74 -21.52
C SER B 57 -2.28 -4.78 -21.20
N ASP B 58 -2.78 -6.00 -21.00
CA ASP B 58 -4.17 -6.25 -20.63
C ASP B 58 -4.49 -5.59 -19.29
N TYR B 59 -3.59 -5.76 -18.32
CA TYR B 59 -3.79 -5.15 -17.01
C TYR B 59 -3.97 -3.63 -17.13
N VAL B 60 -3.09 -3.00 -17.89
CA VAL B 60 -3.12 -1.54 -18.02
C VAL B 60 -4.42 -1.08 -18.69
N LYS B 61 -4.86 -1.80 -19.72
CA LYS B 61 -6.11 -1.46 -20.42
C LYS B 61 -7.35 -1.63 -19.54
N TRP B 62 -7.34 -2.67 -18.69
CA TRP B 62 -8.52 -3.06 -17.95
C TRP B 62 -8.55 -2.60 -16.49
N LYS B 63 -7.43 -2.78 -15.79
CA LYS B 63 -7.33 -2.46 -14.36
C LYS B 63 -8.52 -3.04 -13.58
N ASP B 64 -8.92 -4.25 -13.95
CA ASP B 64 -10.08 -4.89 -13.38
C ASP B 64 -9.79 -6.38 -13.19
N PRO B 65 -9.34 -6.77 -11.98
CA PRO B 65 -8.91 -8.15 -11.69
C PRO B 65 -10.00 -9.18 -11.97
N ASP B 66 -11.24 -8.84 -11.65
CA ASP B 66 -12.35 -9.75 -11.92
C ASP B 66 -12.48 -10.05 -13.41
N ALA B 67 -12.57 -8.99 -14.21
CA ALA B 67 -12.71 -9.12 -15.66
C ALA B 67 -11.51 -9.82 -16.28
N LEU B 68 -10.32 -9.47 -15.80
CA LEU B 68 -9.08 -10.04 -16.33
C LEU B 68 -8.98 -11.57 -16.16
N LEU B 69 -9.63 -12.11 -15.14
CA LEU B 69 -9.57 -13.53 -14.82
C LEU B 69 -10.85 -14.31 -15.14
N LYS B 70 -11.79 -13.65 -15.82
CA LYS B 70 -13.11 -14.26 -16.07
C LYS B 70 -13.09 -15.42 -17.07
N HIS B 71 -12.01 -15.55 -17.84
CA HIS B 71 -11.91 -16.62 -18.84
C HIS B 71 -11.10 -17.84 -18.39
N VAL B 72 -10.58 -17.78 -17.16
CA VAL B 72 -9.73 -18.86 -16.63
C VAL B 72 -10.50 -20.18 -16.60
N LYS B 73 -9.86 -21.24 -17.11
CA LYS B 73 -10.37 -22.59 -17.00
C LYS B 73 -9.33 -23.50 -16.34
N HIS B 74 -9.73 -24.16 -15.26
CA HIS B 74 -8.86 -25.08 -14.51
C HIS B 74 -8.34 -26.19 -15.43
N MET B 75 -7.02 -26.21 -15.63
CA MET B 75 -6.38 -27.13 -16.58
C MET B 75 -6.51 -28.61 -16.19
N LEU B 76 -6.35 -28.88 -14.90
CA LEU B 76 -6.55 -30.21 -14.31
C LEU B 76 -5.56 -31.28 -14.76
N LEU B 77 -4.30 -30.90 -14.93
CA LEU B 77 -3.28 -31.85 -15.38
C LEU B 77 -2.09 -31.90 -14.41
N LEU B 78 -0.86 -31.82 -14.92
CA LEU B 78 0.34 -32.01 -14.09
C LEU B 78 0.87 -30.72 -13.45
N THR B 79 2.14 -30.73 -13.04
CA THR B 79 2.74 -29.62 -12.28
C THR B 79 4.15 -29.32 -12.83
N ASN B 80 4.21 -28.85 -14.08
CA ASN B 80 5.49 -28.60 -14.73
C ASN B 80 6.11 -27.25 -14.33
N THR B 81 6.55 -27.18 -13.08
CA THR B 81 7.03 -25.93 -12.47
C THR B 81 8.28 -25.32 -13.12
N PHE B 82 9.24 -26.17 -13.53
CA PHE B 82 10.44 -25.68 -14.22
C PHE B 82 10.05 -25.01 -15.54
N GLY B 83 9.28 -25.74 -16.35
CA GLY B 83 8.80 -25.22 -17.63
C GLY B 83 8.02 -23.93 -17.46
N ALA B 84 7.20 -23.87 -16.41
CA ALA B 84 6.37 -22.70 -16.11
C ALA B 84 7.18 -21.45 -15.78
N ILE B 85 8.20 -21.61 -14.94
CA ILE B 85 9.05 -20.48 -14.54
C ILE B 85 9.82 -19.96 -15.75
N ASN B 86 10.38 -20.88 -16.54
CA ASN B 86 11.05 -20.51 -17.77
C ASN B 86 10.11 -19.81 -18.76
N TYR B 87 8.88 -20.30 -18.85
CA TYR B 87 7.85 -19.68 -19.70
C TYR B 87 7.62 -18.24 -19.28
N VAL B 88 7.52 -18.00 -17.98
CA VAL B 88 7.33 -16.64 -17.47
C VAL B 88 8.54 -15.77 -17.83
N ALA B 89 9.74 -16.28 -17.56
CA ALA B 89 10.97 -15.52 -17.79
C ALA B 89 11.17 -15.13 -19.26
N THR B 90 10.78 -16.02 -20.18
CA THR B 90 11.04 -15.81 -21.61
C THR B 90 9.84 -15.30 -22.42
N GLU B 91 8.63 -15.65 -21.97
CA GLU B 91 7.43 -15.37 -22.76
C GLU B 91 6.47 -14.35 -22.13
N VAL B 92 6.72 -13.96 -20.89
CA VAL B 92 5.82 -13.02 -20.20
C VAL B 92 6.48 -11.67 -19.87
N PHE B 93 7.67 -11.73 -19.30
CA PHE B 93 8.45 -10.53 -19.05
C PHE B 93 9.07 -10.08 -20.37
N ARG B 94 8.23 -9.47 -21.21
CA ARG B 94 8.58 -9.03 -22.56
C ARG B 94 7.96 -7.66 -22.79
N GLU B 95 8.74 -6.71 -23.30
CA GLU B 95 8.18 -5.40 -23.63
C GLU B 95 7.09 -5.48 -24.69
N GLU B 96 7.16 -6.50 -25.57
CA GLU B 96 6.10 -6.71 -26.57
C GLU B 96 4.76 -6.99 -25.89
N LEU B 97 4.81 -7.46 -24.64
CA LEU B 97 3.59 -7.76 -23.88
C LEU B 97 3.31 -6.78 -22.73
N GLY B 98 3.94 -5.61 -22.78
CA GLY B 98 3.65 -4.54 -21.84
C GLY B 98 4.60 -4.44 -20.66
N ALA B 99 5.62 -5.30 -20.64
CA ALA B 99 6.64 -5.23 -19.58
C ALA B 99 7.45 -3.94 -19.70
N ARG B 100 7.83 -3.40 -18.55
CA ARG B 100 8.62 -2.18 -18.49
C ARG B 100 10.07 -2.57 -18.22
N PRO B 101 10.98 -2.30 -19.18
CA PRO B 101 12.41 -2.59 -19.02
C PRO B 101 13.02 -2.09 -17.71
N ASP B 102 12.57 -0.93 -17.23
CA ASP B 102 13.11 -0.33 -15.98
C ASP B 102 12.68 -1.02 -14.67
N ALA B 103 11.58 -1.78 -14.74
CA ALA B 103 10.92 -2.28 -13.54
C ALA B 103 11.66 -3.43 -12.84
N THR B 104 11.47 -3.50 -11.53
CA THR B 104 11.86 -4.66 -10.75
C THR B 104 10.88 -5.77 -11.08
N LYS B 105 11.41 -6.94 -11.46
CA LYS B 105 10.58 -8.09 -11.82
C LYS B 105 10.34 -8.94 -10.59
N VAL B 106 9.08 -9.24 -10.33
CA VAL B 106 8.68 -10.09 -9.21
C VAL B 106 7.79 -11.24 -9.71
N LEU B 107 8.06 -12.44 -9.21
CA LEU B 107 7.28 -13.63 -9.53
C LEU B 107 6.70 -14.23 -8.25
N ILE B 108 5.39 -14.41 -8.23
CA ILE B 108 4.70 -15.07 -7.12
C ILE B 108 4.20 -16.42 -7.64
N ILE B 109 4.85 -17.49 -7.18
CA ILE B 109 4.48 -18.85 -7.58
C ILE B 109 3.58 -19.44 -6.51
N ILE B 110 2.43 -19.98 -6.93
CA ILE B 110 1.46 -20.58 -6.01
C ILE B 110 1.21 -22.01 -6.43
N THR B 111 1.52 -22.96 -5.56
CA THR B 111 1.48 -24.38 -5.93
C THR B 111 0.98 -25.29 -4.80
N ASP B 112 0.40 -26.44 -5.15
CA ASP B 112 -0.02 -27.42 -4.14
C ASP B 112 0.70 -28.77 -4.30
N GLY B 113 1.78 -28.78 -5.08
CA GLY B 113 2.52 -30.02 -5.32
C GLY B 113 3.96 -29.80 -5.75
N GLU B 114 4.74 -30.89 -5.72
CA GLU B 114 6.12 -30.87 -6.25
C GLU B 114 6.09 -30.90 -7.77
N ALA B 115 7.15 -30.35 -8.38
CA ALA B 115 7.30 -30.32 -9.83
C ALA B 115 7.27 -31.73 -10.45
N THR B 116 6.58 -31.84 -11.58
CA THR B 116 6.54 -33.09 -12.36
C THR B 116 7.54 -33.06 -13.50
N ASP B 117 8.24 -31.92 -13.66
CA ASP B 117 9.29 -31.82 -14.66
C ASP B 117 10.65 -31.58 -14.00
N SER B 118 11.68 -31.35 -14.80
CA SER B 118 13.00 -31.07 -14.28
C SER B 118 13.72 -30.01 -15.12
N GLY B 119 14.88 -29.58 -14.65
CA GLY B 119 15.72 -28.63 -15.38
C GLY B 119 16.40 -27.64 -14.47
N ASN B 120 16.43 -26.38 -14.92
CA ASN B 120 17.01 -25.30 -14.14
C ASN B 120 16.18 -24.03 -14.35
N ILE B 121 16.37 -23.04 -13.48
CA ILE B 121 15.66 -21.76 -13.64
C ILE B 121 16.62 -20.61 -13.90
N ASP B 122 17.75 -20.93 -14.51
CA ASP B 122 18.78 -19.94 -14.82
C ASP B 122 18.24 -18.70 -15.52
N ALA B 123 17.30 -18.90 -16.45
CA ALA B 123 16.70 -17.80 -17.22
C ALA B 123 15.90 -16.81 -16.35
N ALA B 124 15.49 -17.25 -15.16
CA ALA B 124 14.74 -16.40 -14.21
C ALA B 124 15.62 -15.79 -13.12
N LYS B 125 16.94 -15.77 -13.38
CA LYS B 125 17.94 -15.23 -12.46
C LYS B 125 17.72 -13.78 -12.05
N ASP B 126 17.16 -12.97 -12.95
CA ASP B 126 16.99 -11.54 -12.70
C ASP B 126 15.62 -11.22 -12.09
N ILE B 127 14.88 -12.25 -11.70
CA ILE B 127 13.54 -12.07 -11.13
C ILE B 127 13.55 -12.41 -9.64
N ILE B 128 12.92 -11.55 -8.84
CA ILE B 128 12.69 -11.82 -7.41
C ILE B 128 11.53 -12.82 -7.32
N ARG B 129 11.80 -13.98 -6.73
CA ARG B 129 10.86 -15.12 -6.80
C ARG B 129 10.36 -15.59 -5.44
N TYR B 130 9.05 -15.47 -5.24
CA TYR B 130 8.38 -15.99 -4.06
C TYR B 130 7.65 -17.27 -4.43
N ILE B 131 7.59 -18.21 -3.51
CA ILE B 131 6.79 -19.41 -3.74
C ILE B 131 5.89 -19.68 -2.53
N ILE B 132 4.63 -19.98 -2.83
CA ILE B 132 3.64 -20.34 -1.83
C ILE B 132 3.26 -21.80 -2.08
N GLY B 133 3.66 -22.67 -1.16
CA GLY B 133 3.35 -24.10 -1.24
C GLY B 133 2.24 -24.42 -0.27
N ILE B 134 1.15 -24.97 -0.79
CA ILE B 134 -0.07 -25.10 0.00
C ILE B 134 -0.51 -26.55 0.17
N GLY B 135 -0.83 -26.90 1.40
CA GLY B 135 -1.54 -28.14 1.69
C GLY B 135 -0.72 -29.35 2.06
N LYS B 136 -1.41 -30.50 2.09
CA LYS B 136 -0.88 -31.76 2.63
C LYS B 136 0.30 -32.38 1.87
N HIS B 137 0.50 -31.97 0.61
CA HIS B 137 1.68 -32.44 -0.14
C HIS B 137 2.99 -31.93 0.46
N PHE B 138 2.92 -30.88 1.28
CA PHE B 138 4.11 -30.24 1.85
C PHE B 138 4.24 -30.46 3.35
N GLN B 139 3.76 -31.61 3.80
CA GLN B 139 3.84 -32.05 5.20
C GLN B 139 5.26 -32.23 5.71
N THR B 140 6.11 -32.84 4.90
CA THR B 140 7.46 -33.19 5.33
C THR B 140 8.41 -32.03 5.09
N LYS B 141 9.45 -31.97 5.92
CA LYS B 141 10.56 -31.05 5.72
C LYS B 141 11.15 -31.25 4.32
N GLU B 142 11.32 -32.51 3.92
CA GLU B 142 11.90 -32.84 2.60
C GLU B 142 11.09 -32.21 1.46
N SER B 143 9.77 -32.34 1.53
CA SER B 143 8.89 -31.78 0.50
C SER B 143 9.01 -30.26 0.44
N GLN B 144 9.14 -29.64 1.61
CA GLN B 144 9.27 -28.17 1.71
C GLN B 144 10.61 -27.67 1.13
N GLU B 145 11.70 -28.34 1.50
CA GLU B 145 13.04 -28.00 1.00
C GLU B 145 13.14 -28.02 -0.53
N THR B 146 12.41 -28.92 -1.18
CA THR B 146 12.48 -29.04 -2.64
C THR B 146 11.99 -27.78 -3.37
N LEU B 147 11.11 -27.02 -2.71
CA LEU B 147 10.60 -25.76 -3.27
C LEU B 147 11.60 -24.62 -3.24
N HIS B 148 12.63 -24.74 -2.39
CA HIS B 148 13.61 -23.68 -2.20
C HIS B 148 14.31 -23.28 -3.48
N LYS B 149 14.57 -24.27 -4.34
CA LYS B 149 15.28 -24.05 -5.60
C LYS B 149 14.53 -23.13 -6.57
N PHE B 150 13.22 -23.01 -6.42
CA PHE B 150 12.43 -22.13 -7.29
C PHE B 150 12.41 -20.68 -6.80
N ALA B 151 12.62 -20.48 -5.50
CA ALA B 151 12.49 -19.16 -4.89
C ALA B 151 13.83 -18.44 -4.73
N SER B 152 13.75 -17.13 -4.53
CA SER B 152 14.91 -16.34 -4.16
C SER B 152 15.32 -16.73 -2.74
N LYS B 153 16.46 -16.19 -2.31
CA LYS B 153 17.06 -16.56 -1.03
C LYS B 153 17.08 -15.34 -0.12
N PRO B 154 16.85 -15.54 1.19
CA PRO B 154 16.70 -16.81 1.90
C PRO B 154 15.26 -17.34 1.86
N ALA B 155 15.12 -18.66 1.99
CA ALA B 155 13.80 -19.30 2.03
C ALA B 155 12.90 -18.73 3.14
N SER B 156 13.52 -18.30 4.23
CA SER B 156 12.80 -17.69 5.36
C SER B 156 11.95 -16.51 4.91
N GLU B 157 12.42 -15.81 3.88
CA GLU B 157 11.72 -14.66 3.31
C GLU B 157 10.85 -15.03 2.09
N PHE B 158 11.36 -15.90 1.21
CA PHE B 158 10.73 -16.12 -0.10
C PHE B 158 9.89 -17.38 -0.26
N VAL B 159 10.00 -18.31 0.69
CA VAL B 159 9.22 -19.55 0.66
C VAL B 159 8.19 -19.53 1.78
N LYS B 160 6.91 -19.64 1.42
CA LYS B 160 5.84 -19.71 2.42
C LYS B 160 5.09 -21.03 2.30
N ILE B 161 5.09 -21.82 3.37
CA ILE B 161 4.40 -23.10 3.39
C ILE B 161 3.10 -22.95 4.17
N LEU B 162 1.98 -22.98 3.44
CA LEU B 162 0.64 -22.85 4.04
C LEU B 162 -0.03 -24.20 4.23
N ASP B 163 -0.60 -24.41 5.42
CA ASP B 163 -1.22 -25.67 5.75
C ASP B 163 -2.49 -25.98 4.96
N THR B 164 -3.29 -24.94 4.69
CA THR B 164 -4.56 -25.09 3.98
C THR B 164 -4.78 -23.92 3.04
N PHE B 165 -5.71 -24.08 2.09
CA PHE B 165 -6.06 -22.98 1.19
C PHE B 165 -6.80 -21.84 1.91
N GLU B 166 -7.45 -22.17 3.02
CA GLU B 166 -8.08 -21.15 3.85
C GLU B 166 -7.04 -20.16 4.39
N LYS B 167 -5.81 -20.64 4.60
CA LYS B 167 -4.69 -19.81 5.09
C LYS B 167 -4.22 -18.71 4.13
N LEU B 168 -4.67 -18.77 2.88
CA LEU B 168 -4.41 -17.67 1.93
C LEU B 168 -5.04 -16.36 2.44
N LYS B 169 -6.16 -16.48 3.13
CA LYS B 169 -6.81 -15.35 3.77
C LYS B 169 -5.92 -14.70 4.84
N ASP B 170 -5.33 -15.54 5.68
CA ASP B 170 -4.37 -15.08 6.69
C ASP B 170 -3.13 -14.45 6.06
N LEU B 171 -2.66 -15.05 4.96
CA LEU B 171 -1.51 -14.52 4.23
C LEU B 171 -1.80 -13.13 3.67
N PHE B 172 -3.00 -12.94 3.14
CA PHE B 172 -3.43 -11.62 2.65
C PHE B 172 -3.50 -10.60 3.77
N THR B 173 -4.03 -11.02 4.91
CA THR B 173 -4.11 -10.15 6.09
C THR B 173 -2.70 -9.72 6.50
N GLU B 174 -1.79 -10.70 6.57
CA GLU B 174 -0.40 -10.44 6.97
C GLU B 174 0.33 -9.53 6.00
N LEU B 175 0.12 -9.75 4.71
CA LEU B 175 0.86 -9.01 3.69
C LEU B 175 0.46 -7.53 3.66
N GLN B 176 -0.81 -7.26 3.95
CA GLN B 176 -1.32 -5.90 4.00
C GLN B 176 -0.68 -5.08 5.13
N LYS B 177 -0.23 -5.77 6.17
CA LYS B 177 0.50 -5.12 7.28
C LYS B 177 1.91 -4.69 6.86
N LYS B 178 2.33 -5.13 5.67
CA LYS B 178 3.64 -4.80 5.14
C LYS B 178 3.57 -3.72 4.06
N ILE B 179 2.38 -3.12 3.89
CA ILE B 179 2.14 -2.08 2.89
C ILE B 179 2.44 -0.70 3.48
N TYR B 180 3.34 0.03 2.83
CA TYR B 180 3.74 1.35 3.33
C TYR B 180 3.85 2.36 2.19
N VAL B 181 3.62 3.63 2.52
CA VAL B 181 3.96 4.73 1.63
C VAL B 181 5.46 4.96 1.78
N ILE B 182 6.16 4.70 0.68
CA ILE B 182 7.61 4.85 0.48
C ILE B 182 8.52 3.75 1.06
F6 BQN C . -1.14 11.44 3.72
C12 BQN C . -0.42 11.91 2.72
F4 BQN C . -0.88 11.49 1.58
F5 BQN C . -0.60 13.23 2.78
C11 BQN C . 1.05 11.55 2.94
C9 BQN C . 1.42 10.33 3.56
C10 BQN C . 0.39 9.27 3.90
F3 BQN C . -0.21 9.43 5.06
F2 BQN C . -0.50 9.27 2.93
F1 BQN C . 0.90 8.07 3.83
C13 BQN C . 2.05 12.48 2.60
S BQN C . 1.72 13.97 1.86
C14 BQN C . 3.20 14.68 1.42
C19 BQN C . 3.97 14.17 0.37
O3 BQN C . 3.52 13.07 -0.32
C20 BQN C . 4.06 12.70 -1.60
C21 BQN C . 5.17 11.69 -1.42
C25 BQN C . 5.23 10.88 -0.30
C24 BQN C . 6.27 9.97 -0.16
C23 BQN C . 7.24 9.89 -1.16
N2 BQN C . 7.16 10.68 -2.25
C22 BQN C . 6.17 11.57 -2.39
C18 BQN C . 5.19 14.77 0.05
C17 BQN C . 5.64 15.88 0.77
C16 BQN C . 4.87 16.39 1.81
C15 BQN C . 3.65 15.78 2.13
C26 BQN C . 3.40 12.17 2.85
C27 BQN C . 3.76 10.97 3.44
C8 BQN C . 2.78 10.04 3.78
C7 BQN C . 3.20 8.76 4.43
C6 BQN C . 4.37 8.60 5.06
C1 BQN C . 4.67 7.30 5.72
O1 BQN C . 3.74 6.63 6.13
N1 BQN C . 5.93 6.90 5.91
C5 BQN C . 7.10 7.69 5.53
C4 BQN C . 7.91 7.89 6.81
O2 BQN C . 8.14 6.65 7.48
C3 BQN C . 6.93 5.96 7.82
C2 BQN C . 6.22 5.60 6.52
F6 BQN D . 1.19 -11.02 -3.92
C12 BQN D . 1.59 -11.54 -2.77
F4 BQN D . 0.76 -11.25 -1.81
F5 BQN D . 1.57 -12.85 -2.98
C11 BQN D . 3.02 -11.08 -2.49
C9 BQN D . 3.52 -9.82 -2.91
C10 BQN D . 2.63 -8.80 -3.57
F3 BQN D . 2.42 -9.03 -4.85
F2 BQN D . 1.49 -8.79 -2.93
F1 BQN D . 3.09 -7.57 -3.41
C13 BQN D . 3.88 -11.96 -1.84
S BQN D . 3.35 -13.50 -1.31
C14 BQN D . 4.52 -14.22 -0.31
C19 BQN D . 4.91 -13.64 0.90
O3 BQN D . 4.32 -12.45 1.30
C20 BQN D . 5.00 -11.47 2.09
C21 BQN D . 4.63 -11.72 3.53
C25 BQN D . 5.61 -11.88 4.51
C24 BQN D . 5.23 -12.10 5.83
C23 BQN D . 3.87 -12.20 6.14
N2 BQN D . 2.94 -12.06 5.18
C22 BQN D . 3.28 -11.83 3.90
C18 BQN D . 5.88 -14.27 1.70
C17 BQN D . 6.46 -15.46 1.28
C16 BQN D . 6.07 -16.04 0.08
C15 BQN D . 5.11 -15.42 -0.72
C26 BQN D . 5.20 -11.61 -1.59
C27 BQN D . 5.70 -10.38 -1.98
C8 BQN D . 4.86 -9.48 -2.63
C7 BQN D . 5.43 -8.17 -3.04
C6 BQN D . 6.74 -7.96 -3.19
C1 BQN D . 7.22 -6.63 -3.62
O1 BQN D . 6.49 -5.94 -4.31
N1 BQN D . 8.45 -6.23 -3.26
C5 BQN D . 9.28 -6.94 -2.28
C4 BQN D . 10.55 -7.35 -3.03
O2 BQN D . 11.17 -6.18 -3.58
C3 BQN D . 10.35 -5.50 -4.53
C2 BQN D . 9.07 -5.03 -3.84
#